data_7L7P
#
_entry.id   7L7P
#
_cell.length_a   55.062
_cell.length_b   60.042
_cell.length_c   58.808
_cell.angle_alpha   90.000
_cell.angle_beta   90.000
_cell.angle_gamma   90.000
#
_symmetry.space_group_name_H-M   'P 21 21 21'
#
loop_
_entity.id
_entity.type
_entity.pdbx_description
1 polymer 'NS3/4A protease'
2 non-polymer 'ZINC ION'
3 non-polymer 'tert-butyl [(2R,6S,12Z,13aS,14aR,16aS)-2-{[6-methoxy-3-(trifluoromethyl)quinoxalin-2-yl]oxy}-14a-{[(1-methylcyclopropyl)sulfonyl]carbamoyl}-5,16-dioxo-1,2,3,5,6,7,8,9,10,11,13a,14,14a,15,16,16a-hexadecahydrocyclopropa[e]pyrrolo[1,2-a][1,4]diazacyclopentadecin-6-yl]carbamate'
4 non-polymer 1,2-ETHANEDIOL
5 non-polymer 'SULFATE ION'
6 water water
#
_entity_poly.entity_id   1
_entity_poly.type   'polypeptide(L)'
_entity_poly.pdbx_seq_one_letter_code
;HMASMKKKGSVVIVGRINLSGDTAYAQQTRGEEGCQETSQTGRDKNQVEGEVQIVSTATQTFLATSINGVLWTVYHGAGT
RTIASPKGPVTQMYTNVDKDLVGWQAPQGSRSLTPCTCGSSDLYLVTRHADVIPVRRRGDSRGSLLSPRPISYLKGSSGG
PLLCPAGHAVGIFRAAVSTRGVAKAVAFIPVESLETTMRS
;
_entity_poly.pdbx_strand_id   A
#
loop_
_chem_comp.id
_chem_comp.type
_chem_comp.name
_chem_comp.formula
EDO non-polymer 1,2-ETHANEDIOL 'C2 H6 O2'
SO4 non-polymer 'SULFATE ION' 'O4 S -2'
XT4 non-polymer 'tert-butyl [(2R,6S,12Z,13aS,14aR,16aS)-2-{[6-methoxy-3-(trifluoromethyl)quinoxalin-2-yl]oxy}-14a-{[(1-methylcyclopropyl)sulfonyl]carbamoyl}-5,16-dioxo-1,2,3,5,6,7,8,9,10,11,13a,14,14a,15,16,16a-hexadecahydrocyclopropa[e]pyrrolo[1,2-a][1,4]diazacyclopentadecin-6-yl]carbamate' 'C37 H47 F3 N6 O9 S'
ZN non-polymer 'ZINC ION' 'Zn 2'
#
# COMPACT_ATOMS: atom_id res chain seq x y z
N MET A 2 -3.16 -30.47 17.41
CA MET A 2 -2.29 -29.32 17.44
C MET A 2 -1.07 -29.47 16.54
N ALA A 3 -0.63 -30.71 16.33
CA ALA A 3 0.63 -30.93 15.61
C ALA A 3 0.55 -30.43 14.17
N SER A 4 -0.64 -30.40 13.58
CA SER A 4 -0.80 -30.04 12.18
C SER A 4 -1.30 -28.61 12.00
N MET A 5 -1.39 -27.83 13.08
CA MET A 5 -1.82 -26.44 12.95
C MET A 5 -0.82 -25.69 12.09
N LYS A 6 -1.35 -24.97 11.10
CA LYS A 6 -0.55 -24.35 10.07
C LYS A 6 -0.21 -22.91 10.49
N LYS A 7 0.83 -22.35 9.88
CA LYS A 7 1.19 -20.95 10.07
C LYS A 7 0.80 -20.18 8.82
N LYS A 8 0.13 -19.04 9.00
CA LYS A 8 -0.10 -18.14 7.88
C LYS A 8 1.25 -17.59 7.41
N GLY A 9 1.38 -17.41 6.11
CA GLY A 9 2.63 -16.98 5.54
C GLY A 9 2.82 -15.50 5.77
N SER A 10 3.96 -15.00 5.28
CA SER A 10 4.30 -13.58 5.27
C SER A 10 3.69 -12.88 4.05
N VAL A 11 3.43 -11.60 4.20
CA VAL A 11 3.27 -10.73 3.05
C VAL A 11 4.60 -10.69 2.30
N VAL A 12 4.53 -10.67 0.97
CA VAL A 12 5.71 -10.67 0.11
C VAL A 12 5.64 -9.51 -0.87
N ILE A 13 6.76 -8.80 -1.02
CA ILE A 13 6.87 -7.79 -2.07
C ILE A 13 7.06 -8.50 -3.42
N VAL A 14 6.18 -8.22 -4.36
CA VAL A 14 6.22 -8.86 -5.68
C VAL A 14 6.46 -7.87 -6.80
N GLY A 15 6.50 -6.58 -6.49
CA GLY A 15 6.79 -5.60 -7.51
C GLY A 15 6.78 -4.22 -6.90
N ARG A 16 6.83 -3.21 -7.77
CA ARG A 16 6.79 -1.83 -7.31
C ARG A 16 6.15 -0.96 -8.38
N ILE A 17 5.72 0.22 -7.96
CA ILE A 17 5.24 1.24 -8.90
C ILE A 17 6.38 2.23 -9.05
N ASN A 18 6.93 2.29 -10.25
CA ASN A 18 8.08 3.15 -10.52
C ASN A 18 7.58 4.57 -10.78
N LEU A 19 7.96 5.49 -9.89
CA LEU A 19 7.63 6.90 -10.01
C LEU A 19 8.88 7.76 -10.17
N SER A 20 10.04 7.15 -10.44
CA SER A 20 11.30 7.87 -10.39
C SER A 20 11.59 8.67 -11.65
N GLY A 21 10.80 8.49 -12.71
CA GLY A 21 11.03 9.20 -13.94
C GLY A 21 9.86 10.05 -14.34
N ASP A 22 9.75 10.37 -15.64
CA ASP A 22 8.60 11.10 -16.17
C ASP A 22 7.40 10.20 -16.43
N THR A 23 7.58 8.87 -16.34
CA THR A 23 6.54 7.91 -16.69
C THR A 23 6.35 6.94 -15.54
N ALA A 24 5.12 6.80 -15.07
CA ALA A 24 4.83 5.86 -13.98
C ALA A 24 4.52 4.52 -14.61
N TYR A 25 5.11 3.44 -14.08
CA TYR A 25 4.84 2.11 -14.60
C TYR A 25 5.04 1.07 -13.50
N ALA A 26 4.29 -0.02 -13.60
CA ALA A 26 4.44 -1.16 -12.69
C ALA A 26 5.59 -2.04 -13.15
N GLN A 27 6.34 -2.55 -12.19
CA GLN A 27 7.40 -3.52 -12.41
C GLN A 27 7.13 -4.72 -11.53
N GLN A 28 7.16 -5.91 -12.12
CA GLN A 28 7.09 -7.12 -11.32
C GLN A 28 8.52 -7.53 -10.98
N THR A 29 8.74 -7.89 -9.73
CA THR A 29 10.04 -8.34 -9.28
C THR A 29 10.05 -9.79 -8.84
N ARG A 30 8.88 -10.42 -8.64
CA ARG A 30 8.79 -11.83 -8.28
C ARG A 30 7.54 -12.41 -8.91
N GLY A 31 7.68 -13.62 -9.50
CA GLY A 31 6.55 -14.39 -10.03
C GLY A 31 5.80 -15.17 -8.96
N GLU A 32 4.68 -15.79 -9.39
CA GLU A 32 3.75 -16.42 -8.45
C GLU A 32 4.42 -17.55 -7.68
N GLU A 33 5.23 -18.37 -8.34
CA GLU A 33 5.82 -19.51 -7.63
C GLU A 33 6.79 -19.02 -6.55
N GLY A 34 7.71 -18.12 -6.90
CA GLY A 34 8.63 -17.57 -5.92
C GLY A 34 7.92 -16.81 -4.83
N CYS A 35 6.80 -16.18 -5.15
CA CYS A 35 6.05 -15.50 -4.10
C CYS A 35 5.56 -16.51 -3.08
N GLN A 36 5.00 -17.62 -3.55
CA GLN A 36 4.52 -18.65 -2.62
C GLN A 36 5.65 -19.18 -1.74
N GLU A 37 6.82 -19.47 -2.34
CA GLU A 37 7.95 -19.95 -1.56
C GLU A 37 8.38 -18.92 -0.52
N THR A 38 8.49 -17.66 -0.93
CA THR A 38 8.94 -16.59 -0.03
C THR A 38 7.94 -16.33 1.08
N SER A 39 6.65 -16.53 0.80
CA SER A 39 5.65 -16.36 1.84
C SER A 39 5.84 -17.38 2.94
N GLN A 40 6.20 -18.60 2.56
CA GLN A 40 6.31 -19.63 3.58
C GLN A 40 7.59 -19.48 4.40
N THR A 41 8.71 -19.13 3.78
CA THR A 41 9.95 -18.99 4.52
C THR A 41 10.07 -17.63 5.19
N GLY A 42 9.42 -16.62 4.63
CA GLY A 42 9.65 -15.27 5.09
C GLY A 42 10.99 -14.67 4.73
N ARG A 43 11.79 -15.33 3.89
CA ARG A 43 13.11 -14.87 3.53
C ARG A 43 13.05 -14.38 2.09
N ASP A 44 13.17 -13.08 1.91
CA ASP A 44 13.14 -12.42 0.62
C ASP A 44 14.48 -11.71 0.42
N LYS A 45 15.34 -12.29 -0.44
CA LYS A 45 16.63 -11.66 -0.72
C LYS A 45 16.58 -10.62 -1.83
N ASN A 46 15.42 -10.33 -2.42
CA ASN A 46 15.42 -9.35 -3.50
C ASN A 46 15.73 -7.96 -2.99
N GLN A 47 16.40 -7.16 -3.82
CA GLN A 47 16.63 -5.76 -3.50
C GLN A 47 15.32 -4.98 -3.67
N VAL A 48 15.01 -4.14 -2.70
CA VAL A 48 13.79 -3.35 -2.71
C VAL A 48 14.16 -1.95 -3.18
N GLU A 49 13.30 -1.34 -3.99
CA GLU A 49 13.47 0.05 -4.42
C GLU A 49 12.11 0.73 -4.42
N GLY A 50 12.13 2.03 -4.26
CA GLY A 50 10.95 2.84 -4.49
C GLY A 50 10.09 3.01 -3.25
N GLU A 51 9.02 3.78 -3.46
CA GLU A 51 8.09 4.20 -2.42
C GLU A 51 6.84 3.34 -2.34
N VAL A 52 6.34 2.84 -3.46
CA VAL A 52 5.11 2.05 -3.50
C VAL A 52 5.47 0.65 -3.94
N GLN A 53 5.21 -0.32 -3.08
CA GLN A 53 5.43 -1.74 -3.33
C GLN A 53 4.11 -2.40 -3.68
N ILE A 54 4.18 -3.35 -4.62
CA ILE A 54 3.11 -4.29 -4.86
C ILE A 54 3.37 -5.49 -3.97
N VAL A 55 2.39 -5.89 -3.18
CA VAL A 55 2.54 -6.95 -2.19
C VAL A 55 1.47 -8.01 -2.37
N SER A 56 1.79 -9.22 -1.89
N SER A 56 1.75 -9.20 -1.84
CA SER A 56 0.85 -10.32 -2.00
CA SER A 56 0.75 -10.25 -2.00
C SER A 56 0.89 -11.23 -0.79
C SER A 56 0.90 -11.29 -0.91
N THR A 57 -0.22 -11.89 -0.56
CA THR A 57 -0.31 -13.04 0.34
C THR A 57 -0.61 -14.26 -0.54
N ALA A 58 -0.94 -15.39 0.11
CA ALA A 58 -1.32 -16.55 -0.70
C ALA A 58 -2.60 -16.31 -1.46
N THR A 59 -3.44 -15.38 -0.99
CA THR A 59 -4.78 -15.22 -1.52
C THR A 59 -5.11 -13.84 -2.03
N GLN A 60 -4.30 -12.82 -1.74
N GLN A 60 -4.30 -12.82 -1.72
CA GLN A 60 -4.67 -11.46 -2.10
CA GLN A 60 -4.63 -11.45 -2.11
C GLN A 60 -3.44 -10.68 -2.54
C GLN A 60 -3.40 -10.74 -2.65
N THR A 61 -3.66 -9.67 -3.41
CA THR A 61 -2.61 -8.75 -3.82
C THR A 61 -3.10 -7.31 -3.72
N PHE A 62 -2.22 -6.42 -3.29
CA PHE A 62 -2.58 -5.05 -2.94
C PHE A 62 -1.28 -4.25 -2.92
N LEU A 63 -1.29 -3.06 -2.34
CA LEU A 63 -0.14 -2.17 -2.38
C LEU A 63 0.31 -1.85 -0.96
N ALA A 64 1.55 -1.37 -0.84
CA ALA A 64 2.06 -0.84 0.42
C ALA A 64 2.94 0.36 0.13
N THR A 65 2.91 1.35 1.02
CA THR A 65 3.53 2.64 0.75
C THR A 65 4.43 3.03 1.92
N SER A 66 5.67 3.42 1.61
N SER A 66 5.68 3.36 1.61
CA SER A 66 6.61 3.85 2.62
CA SER A 66 6.62 3.84 2.62
C SER A 66 6.44 5.33 2.89
C SER A 66 6.45 5.34 2.88
N ILE A 67 6.19 5.67 4.14
CA ILE A 67 6.09 7.06 4.59
C ILE A 67 6.86 7.16 5.91
N ASN A 68 7.81 8.09 5.99
N ASN A 68 7.85 8.05 5.97
CA ASN A 68 8.65 8.32 7.16
CA ASN A 68 8.62 8.33 7.20
C ASN A 68 9.21 7.04 7.77
C ASN A 68 9.24 7.05 7.78
N GLY A 69 9.73 6.17 6.91
CA GLY A 69 10.49 5.01 7.32
C GLY A 69 9.65 3.84 7.78
N VAL A 70 8.35 3.87 7.50
CA VAL A 70 7.41 2.79 7.77
C VAL A 70 6.73 2.39 6.46
N LEU A 71 6.67 1.09 6.18
CA LEU A 71 5.90 0.57 5.05
C LEU A 71 4.48 0.27 5.54
N TRP A 72 3.53 1.05 5.05
CA TRP A 72 2.14 1.00 5.50
C TRP A 72 1.25 0.27 4.51
N THR A 73 0.21 -0.40 5.03
CA THR A 73 -0.80 -0.98 4.16
C THR A 73 -2.08 -1.15 4.98
N VAL A 74 -3.07 -1.80 4.37
CA VAL A 74 -4.38 -2.02 4.98
C VAL A 74 -4.44 -3.34 5.74
N TYR A 75 -5.11 -3.32 6.88
CA TYR A 75 -5.34 -4.51 7.65
C TYR A 75 -6.20 -5.52 6.87
N HIS A 76 -7.13 -5.05 6.03
CA HIS A 76 -7.97 -6.00 5.29
C HIS A 76 -7.20 -6.77 4.22
N GLY A 77 -5.99 -6.35 3.90
CA GLY A 77 -5.09 -7.08 3.04
C GLY A 77 -4.11 -7.91 3.85
N ALA A 78 -3.43 -7.30 4.84
CA ALA A 78 -2.31 -7.95 5.50
C ALA A 78 -2.67 -8.71 6.77
N GLY A 79 -3.80 -8.41 7.38
CA GLY A 79 -4.08 -8.92 8.72
C GLY A 79 -2.92 -8.58 9.63
N THR A 80 -2.60 -9.53 10.52
CA THR A 80 -1.48 -9.42 11.45
C THR A 80 -0.19 -10.03 10.90
N ARG A 81 -0.10 -10.26 9.59
N ARG A 81 -0.10 -10.25 9.60
CA ARG A 81 0.99 -11.03 9.03
CA ARG A 81 1.01 -10.99 9.02
C ARG A 81 2.34 -10.30 9.11
C ARG A 81 2.36 -10.28 9.16
N THR A 82 3.40 -11.08 9.32
CA THR A 82 4.76 -10.61 9.10
C THR A 82 4.97 -10.25 7.62
N ILE A 83 6.04 -9.54 7.34
CA ILE A 83 6.50 -9.33 5.97
C ILE A 83 7.84 -10.03 5.76
N ALA A 84 8.04 -10.57 4.57
CA ALA A 84 9.29 -11.23 4.23
C ALA A 84 10.41 -10.21 4.06
N SER A 85 11.62 -10.56 4.49
CA SER A 85 12.78 -9.67 4.36
C SER A 85 14.01 -10.54 4.18
N PRO A 86 15.16 -9.93 3.90
CA PRO A 86 16.36 -10.76 3.70
C PRO A 86 16.76 -11.61 4.88
N LYS A 87 16.45 -11.17 6.09
CA LYS A 87 16.81 -11.86 7.31
C LYS A 87 15.67 -12.70 7.88
N GLY A 88 14.53 -12.83 7.18
CA GLY A 88 13.41 -13.58 7.67
C GLY A 88 12.22 -12.70 7.99
N PRO A 89 11.17 -13.30 8.53
CA PRO A 89 9.94 -12.54 8.77
C PRO A 89 10.12 -11.40 9.74
N VAL A 90 9.50 -10.27 9.41
CA VAL A 90 9.53 -9.07 10.25
C VAL A 90 8.12 -8.83 10.79
N THR A 91 8.00 -8.69 12.11
CA THR A 91 6.72 -8.44 12.77
C THR A 91 6.27 -7.01 12.55
N GLN A 92 4.95 -6.85 12.40
CA GLN A 92 4.38 -5.51 12.33
C GLN A 92 4.85 -4.65 13.48
N MET A 93 5.14 -3.38 13.20
CA MET A 93 5.40 -2.45 14.27
C MET A 93 4.18 -1.62 14.60
N TYR A 94 3.20 -1.54 13.70
CA TYR A 94 1.93 -0.90 13.97
C TYR A 94 0.81 -1.79 13.46
N THR A 95 -0.26 -1.89 14.25
CA THR A 95 -1.46 -2.61 13.86
C THR A 95 -2.63 -1.85 14.44
N ASN A 96 -3.53 -1.39 13.58
CA ASN A 96 -4.76 -0.72 14.04
C ASN A 96 -5.96 -1.09 13.19
N VAL A 97 -6.67 -2.13 13.63
CA VAL A 97 -7.88 -2.57 12.92
C VAL A 97 -8.93 -1.48 12.84
N ASP A 98 -8.99 -0.59 13.82
CA ASP A 98 -10.01 0.45 13.80
C ASP A 98 -9.81 1.40 12.64
N LYS A 99 -8.56 1.57 12.21
CA LYS A 99 -8.18 2.44 11.10
C LYS A 99 -7.97 1.65 9.80
N ASP A 100 -8.08 0.34 9.86
CA ASP A 100 -7.76 -0.56 8.75
C ASP A 100 -6.29 -0.40 8.31
N LEU A 101 -5.39 -0.30 9.30
CA LEU A 101 -4.00 0.12 9.06
C LEU A 101 -3.00 -0.82 9.72
N VAL A 102 -1.94 -1.14 8.98
CA VAL A 102 -0.80 -1.81 9.56
C VAL A 102 0.47 -1.19 8.99
N GLY A 103 1.58 -1.41 9.68
CA GLY A 103 2.87 -0.96 9.21
C GLY A 103 4.00 -1.84 9.71
N TRP A 104 5.04 -1.92 8.91
CA TRP A 104 6.29 -2.57 9.24
C TRP A 104 7.42 -1.59 9.02
N GLN A 105 8.55 -1.84 9.65
CA GLN A 105 9.72 -1.02 9.33
C GLN A 105 9.97 -1.05 7.83
N ALA A 106 10.28 0.11 7.26
CA ALA A 106 10.48 0.16 5.83
C ALA A 106 11.67 -0.68 5.41
N PRO A 107 11.55 -1.46 4.34
CA PRO A 107 12.65 -2.33 3.90
C PRO A 107 13.89 -1.54 3.53
N GLN A 108 15.05 -2.10 3.85
CA GLN A 108 16.29 -1.55 3.33
C GLN A 108 16.22 -1.37 1.82
N GLY A 109 16.51 -0.17 1.34
CA GLY A 109 16.51 0.15 -0.07
C GLY A 109 15.27 0.87 -0.55
N SER A 110 14.19 0.77 0.19
CA SER A 110 13.02 1.57 -0.10
C SER A 110 13.34 3.04 0.06
N ARG A 111 12.50 3.85 -0.55
CA ARG A 111 12.47 5.30 -0.38
C ARG A 111 11.12 5.65 0.22
N SER A 112 11.11 6.62 1.14
CA SER A 112 9.90 7.05 1.81
C SER A 112 9.38 8.38 1.30
N LEU A 113 8.07 8.45 1.24
CA LEU A 113 7.39 9.70 1.03
C LEU A 113 7.37 10.50 2.33
N THR A 114 7.25 11.79 2.18
CA THR A 114 7.17 12.72 3.28
C THR A 114 5.72 13.07 3.55
N PRO A 115 5.25 13.09 4.79
CA PRO A 115 3.86 13.49 5.03
C PRO A 115 3.59 14.92 4.58
N CYS A 116 2.47 15.10 3.89
CA CYS A 116 2.12 16.40 3.34
C CYS A 116 1.73 17.39 4.44
N THR A 117 2.24 18.62 4.35
CA THR A 117 1.82 19.71 5.22
C THR A 117 1.22 20.86 4.40
N CYS A 118 0.89 20.59 3.13
CA CYS A 118 0.48 21.65 2.22
C CYS A 118 -0.92 22.14 2.50
N GLY A 119 -1.76 21.28 3.05
CA GLY A 119 -3.16 21.65 3.23
C GLY A 119 -3.94 21.84 1.94
N SER A 120 -3.48 21.21 0.85
CA SER A 120 -4.06 21.22 -0.51
C SER A 120 -5.14 20.17 -0.67
N SER A 121 -6.14 20.45 -1.51
CA SER A 121 -7.20 19.50 -1.80
C SER A 121 -7.12 18.91 -3.21
N ASP A 122 -6.10 19.23 -3.97
CA ASP A 122 -5.92 18.64 -5.29
C ASP A 122 -4.94 17.47 -5.15
N LEU A 123 -5.48 16.26 -5.21
CA LEU A 123 -4.72 15.04 -4.92
C LEU A 123 -4.61 14.13 -6.14
N TYR A 124 -3.77 13.11 -5.98
CA TYR A 124 -3.50 12.14 -7.04
C TYR A 124 -3.37 10.77 -6.40
N LEU A 125 -4.20 9.83 -6.85
CA LEU A 125 -4.18 8.45 -6.38
C LEU A 125 -3.32 7.65 -7.32
N VAL A 126 -2.44 6.82 -6.77
CA VAL A 126 -1.59 5.94 -7.57
C VAL A 126 -2.08 4.50 -7.44
N THR A 127 -2.41 3.87 -8.57
CA THR A 127 -2.95 2.53 -8.53
C THR A 127 -1.87 1.48 -8.82
N ARG A 128 -2.26 0.20 -8.67
CA ARG A 128 -1.31 -0.89 -8.87
C ARG A 128 -0.94 -1.05 -10.35
N HIS A 129 -1.66 -0.40 -11.25
CA HIS A 129 -1.33 -0.38 -12.66
C HIS A 129 -0.56 0.84 -13.06
N ALA A 130 -0.15 1.64 -12.08
CA ALA A 130 0.59 2.88 -12.24
C ALA A 130 -0.23 3.96 -12.89
N ASP A 131 -1.55 3.90 -12.78
CA ASP A 131 -2.39 5.02 -13.17
C ASP A 131 -2.27 6.07 -12.10
N VAL A 132 -2.22 7.33 -12.49
CA VAL A 132 -2.18 8.47 -11.57
C VAL A 132 -3.50 9.20 -11.77
N ILE A 133 -4.43 9.05 -10.85
CA ILE A 133 -5.83 9.44 -10.99
C ILE A 133 -6.05 10.72 -10.18
N PRO A 134 -6.44 11.84 -10.78
CA PRO A 134 -6.75 13.03 -9.99
C PRO A 134 -7.97 12.80 -9.13
N VAL A 135 -7.86 13.31 -7.90
CA VAL A 135 -8.86 13.15 -6.84
C VAL A 135 -8.97 14.49 -6.14
N ARG A 136 -10.18 15.01 -6.03
CA ARG A 136 -10.41 16.23 -5.26
C ARG A 136 -10.74 15.83 -3.83
N ARG A 137 -10.00 16.39 -2.87
CA ARG A 137 -10.25 16.06 -1.48
C ARG A 137 -11.64 16.61 -1.09
N ARG A 138 -12.46 15.79 -0.43
CA ARG A 138 -13.81 16.17 -0.05
C ARG A 138 -14.09 16.10 1.44
N GLY A 139 -13.15 15.60 2.23
CA GLY A 139 -13.26 15.59 3.68
C GLY A 139 -11.96 15.08 4.23
N ASP A 140 -11.95 14.82 5.54
CA ASP A 140 -10.73 14.31 6.16
C ASP A 140 -10.29 12.99 5.52
N SER A 141 -11.24 12.15 5.11
CA SER A 141 -10.91 10.78 4.71
C SER A 141 -11.56 10.41 3.39
N ARG A 142 -12.00 11.40 2.58
CA ARG A 142 -12.72 11.13 1.35
C ARG A 142 -12.24 12.06 0.24
N GLY A 143 -12.26 11.54 -0.99
CA GLY A 143 -12.02 12.37 -2.17
C GLY A 143 -12.81 11.84 -3.34
N SER A 144 -13.16 12.74 -4.27
CA SER A 144 -13.90 12.38 -5.47
C SER A 144 -12.99 12.19 -6.66
N LEU A 145 -13.30 11.19 -7.48
CA LEU A 145 -12.57 11.01 -8.71
C LEU A 145 -13.02 12.05 -9.72
N LEU A 146 -12.08 12.74 -10.34
CA LEU A 146 -12.49 13.70 -11.35
C LEU A 146 -13.11 12.98 -12.53
N SER A 147 -12.66 11.76 -12.79
CA SER A 147 -13.17 10.92 -13.87
C SER A 147 -13.51 9.57 -13.24
N PRO A 148 -14.78 9.32 -12.94
CA PRO A 148 -15.13 8.03 -12.30
C PRO A 148 -14.77 6.83 -13.17
N ARG A 149 -14.55 5.69 -12.52
CA ARG A 149 -14.10 4.49 -13.19
C ARG A 149 -14.78 3.28 -12.56
N PRO A 150 -14.98 2.20 -13.33
CA PRO A 150 -15.47 0.97 -12.71
C PRO A 150 -14.54 0.51 -11.59
N ILE A 151 -15.14 -0.10 -10.57
CA ILE A 151 -14.34 -0.53 -9.42
C ILE A 151 -13.28 -1.55 -9.81
N SER A 152 -13.46 -2.20 -10.95
CA SER A 152 -12.48 -3.16 -11.43
C SER A 152 -11.11 -2.53 -11.56
N TYR A 153 -11.07 -1.24 -11.93
CA TYR A 153 -9.84 -0.52 -12.15
C TYR A 153 -9.12 -0.17 -10.86
N LEU A 154 -9.83 -0.11 -9.75
CA LEU A 154 -9.25 0.22 -8.45
C LEU A 154 -8.95 -1.00 -7.60
N LYS A 155 -9.57 -2.15 -7.90
CA LYS A 155 -9.35 -3.37 -7.13
C LYS A 155 -7.87 -3.72 -7.10
N GLY A 156 -7.35 -4.02 -5.91
CA GLY A 156 -5.96 -4.35 -5.75
C GLY A 156 -5.08 -3.17 -5.47
N SER A 157 -5.65 -1.97 -5.29
CA SER A 157 -4.85 -0.79 -5.06
C SER A 157 -4.94 -0.27 -3.63
N SER A 158 -5.71 -0.92 -2.76
CA SER A 158 -5.68 -0.54 -1.35
C SER A 158 -4.24 -0.59 -0.85
N GLY A 159 -3.92 0.33 0.05
CA GLY A 159 -2.57 0.47 0.52
C GLY A 159 -1.72 1.43 -0.29
N GLY A 160 -2.16 1.85 -1.50
CA GLY A 160 -1.49 2.83 -2.31
C GLY A 160 -1.67 4.24 -1.79
N PRO A 161 -0.84 5.16 -2.29
CA PRO A 161 -0.91 6.53 -1.80
C PRO A 161 -1.87 7.45 -2.55
N LEU A 162 -2.36 8.45 -1.81
CA LEU A 162 -2.85 9.70 -2.37
C LEU A 162 -1.76 10.73 -2.10
N LEU A 163 -1.35 11.42 -3.14
CA LEU A 163 -0.29 12.40 -3.13
C LEU A 163 -0.85 13.80 -3.38
N CYS A 164 -0.17 14.81 -2.85
CA CYS A 164 -0.42 16.20 -3.17
C CYS A 164 0.32 16.58 -4.46
N PRO A 165 0.11 17.80 -4.98
CA PRO A 165 0.84 18.20 -6.20
C PRO A 165 2.36 18.13 -6.09
N ALA A 166 2.91 18.36 -4.92
CA ALA A 166 4.35 18.29 -4.67
C ALA A 166 4.86 16.88 -4.40
N GLY A 167 4.00 15.87 -4.49
CA GLY A 167 4.44 14.50 -4.29
C GLY A 167 4.57 14.06 -2.85
N HIS A 168 4.03 14.80 -1.90
CA HIS A 168 3.95 14.35 -0.50
C HIS A 168 2.82 13.36 -0.33
N ALA A 169 2.94 12.53 0.71
CA ALA A 169 1.84 11.61 1.05
C ALA A 169 0.74 12.30 1.84
N VAL A 170 -0.47 12.22 1.33
CA VAL A 170 -1.65 12.74 2.00
C VAL A 170 -2.48 11.65 2.67
N GLY A 171 -2.46 10.44 2.13
CA GLY A 171 -3.20 9.35 2.77
C GLY A 171 -2.91 8.03 2.08
N ILE A 172 -3.53 6.99 2.64
CA ILE A 172 -3.44 5.60 2.18
C ILE A 172 -4.83 5.17 1.69
N PHE A 173 -4.93 4.73 0.42
CA PHE A 173 -6.23 4.30 -0.15
C PHE A 173 -6.78 3.08 0.61
N ARG A 174 -8.03 3.16 1.08
CA ARG A 174 -8.68 2.15 1.90
C ARG A 174 -9.84 1.46 1.23
N ALA A 175 -10.78 2.23 0.65
CA ALA A 175 -12.06 1.69 0.18
C ALA A 175 -12.58 2.57 -0.97
N ALA A 176 -13.37 1.96 -1.85
CA ALA A 176 -14.02 2.69 -2.93
C ALA A 176 -15.48 2.90 -2.60
N VAL A 177 -15.97 4.09 -2.90
CA VAL A 177 -17.38 4.44 -2.78
C VAL A 177 -17.99 4.14 -4.12
N SER A 178 -18.79 3.08 -4.17
CA SER A 178 -19.29 2.53 -5.42
C SER A 178 -20.79 2.62 -5.52
N THR A 179 -21.27 3.13 -6.66
CA THR A 179 -22.68 3.07 -7.02
C THR A 179 -22.79 2.28 -8.32
N ARG A 180 -23.48 1.14 -8.25
CA ARG A 180 -23.72 0.32 -9.43
C ARG A 180 -22.41 -0.04 -10.10
N GLY A 181 -21.38 -0.29 -9.27
CA GLY A 181 -20.07 -0.71 -9.77
C GLY A 181 -19.16 0.40 -10.25
N VAL A 182 -19.59 1.66 -10.20
CA VAL A 182 -18.78 2.80 -10.61
C VAL A 182 -18.28 3.50 -9.35
N ALA A 183 -16.97 3.66 -9.27
CA ALA A 183 -16.33 4.39 -8.19
C ALA A 183 -16.37 5.87 -8.50
N LYS A 184 -17.16 6.64 -7.72
CA LYS A 184 -17.13 8.07 -7.90
C LYS A 184 -16.25 8.73 -6.87
N ALA A 185 -15.90 8.03 -5.81
CA ALA A 185 -15.13 8.58 -4.70
C ALA A 185 -14.34 7.46 -4.04
N VAL A 186 -13.35 7.85 -3.25
CA VAL A 186 -12.51 6.92 -2.51
C VAL A 186 -12.43 7.38 -1.05
N ALA A 187 -12.27 6.41 -0.17
CA ALA A 187 -11.99 6.63 1.23
C ALA A 187 -10.52 6.31 1.46
N PHE A 188 -9.88 7.11 2.29
CA PHE A 188 -8.47 6.89 2.57
C PHE A 188 -8.17 7.19 4.04
N ILE A 189 -7.07 6.61 4.50
CA ILE A 189 -6.52 6.84 5.83
C ILE A 189 -5.67 8.11 5.74
N PRO A 190 -6.03 9.21 6.40
CA PRO A 190 -5.24 10.44 6.29
C PRO A 190 -3.85 10.25 6.88
N VAL A 191 -2.87 10.92 6.28
CA VAL A 191 -1.51 10.75 6.77
C VAL A 191 -1.42 11.21 8.23
N GLU A 192 -2.27 12.16 8.65
CA GLU A 192 -2.18 12.63 10.04
C GLU A 192 -2.46 11.50 11.01
N SER A 193 -3.30 10.56 10.58
N SER A 193 -3.32 10.56 10.60
CA SER A 193 -3.60 9.39 11.37
CA SER A 193 -3.58 9.40 11.44
C SER A 193 -2.39 8.49 11.50
C SER A 193 -2.35 8.51 11.52
N LEU A 194 -1.61 8.37 10.42
CA LEU A 194 -0.36 7.63 10.48
C LEU A 194 0.63 8.33 11.38
N GLU A 195 0.71 9.67 11.28
CA GLU A 195 1.70 10.41 12.06
C GLU A 195 1.41 10.28 13.55
N THR A 196 0.12 10.23 13.91
CA THR A 196 -0.21 10.03 15.31
C THR A 196 0.18 8.63 15.77
N THR A 197 -0.15 7.63 14.96
CA THR A 197 0.26 6.26 15.27
C THR A 197 1.76 6.17 15.52
N MET A 198 2.54 6.95 14.78
CA MET A 198 3.99 6.98 14.92
C MET A 198 4.43 7.74 16.17
ZN ZN B . 2.13 18.46 0.09
C13 XT4 C . -10.86 -0.92 -3.07
C15 XT4 C . -15.83 -1.48 -0.73
C22 XT4 C . -15.45 -3.11 -2.64
C24 XT4 C . -13.06 -3.31 4.48
C28 XT4 C . -11.89 -3.91 7.01
C01 XT4 C . -12.32 -2.83 0.92
C02 XT4 C . -12.34 -4.00 1.50
C04 XT4 C . -11.73 -2.80 -0.55
C05 XT4 C . -13.66 -3.91 2.33
C06 XT4 C . -14.62 -3.47 1.21
C08 XT4 C . -14.35 -1.53 -0.40
C11 XT4 C . -10.03 -1.65 -2.00
C12 XT4 C . -9.06 -2.66 -2.60
C14 XT4 C . -9.63 -0.26 -2.44
C18 XT4 C . -15.97 -1.71 -2.24
C19 XT4 C . -16.64 0.07 1.03
C23 XT4 C . -15.44 -3.21 -4.19
C25 XT4 C . -12.55 -2.20 5.36
C27 XT4 C . -12.34 -4.99 6.09
C29 XT4 C . -12.20 -6.47 6.52
C31 XT4 C . -11.24 -4.24 8.36
C32 XT4 C . -12.68 -0.77 4.91
C33 XT4 C . -11.59 -6.79 7.87
C34 XT4 C . -11.11 -5.69 8.80
C40 XT4 C . -8.02 -6.30 -1.20
C41 XT4 C . -6.95 -6.33 -0.12
C42 XT4 C . -6.85 -7.27 -1.33
C43 XT4 C . -9.44 -6.79 -0.93
C44 XT4 C . -10.94 -1.15 -4.58
C45 XT4 C . -12.04 -1.54 -5.23
C46 XT4 C . -13.42 -1.68 -4.55
C47 XT4 C . -13.99 -3.09 -4.77
C48 XT4 C . -17.34 1.99 2.37
C49 XT4 C . -17.58 3.50 2.08
C50 XT4 C . -18.66 1.30 2.76
C51 XT4 C . -16.31 1.78 3.49
C56 XT4 C . -11.19 -7.02 10.75
F52 XT4 C . -12.19 -0.02 5.90
F53 XT4 C . -13.95 -0.47 4.62
F54 XT4 C . -11.93 -0.59 3.79
N03 XT4 C . -13.88 -2.55 0.56
N10 XT4 C . -10.59 -1.91 -0.72
N17 XT4 C . -16.29 -0.20 -0.35
N26 XT4 C . -12.95 -4.68 4.81
N30 XT4 C . -11.98 -2.49 6.64
N35 XT4 C . -8.89 -3.79 -1.75
O07 XT4 C . -13.62 -2.92 3.25
O09 XT4 C . -12.09 -3.42 -1.50
O16 XT4 C . -13.57 -0.77 -0.92
O20 XT4 C . -16.92 1.47 1.12
O21 XT4 C . -16.64 -0.70 1.94
O36 XT4 C . -8.50 -2.53 -3.62
O38 XT4 C . -8.50 -5.48 -3.64
O39 XT4 C . -6.52 -4.52 -2.50
O55 XT4 C . -10.54 -5.97 10.04
S37 XT4 C . -7.93 -4.94 -2.34
H131 XT4 C . -11.59 -0.39 -2.73
H151 XT4 C . -16.35 -2.16 -0.27
H221 XT4 C . -14.55 -3.25 -2.29
H222 XT4 C . -16.03 -3.80 -2.28
H011 XT4 C . -11.84 -2.26 1.53
H021 XT4 C . -11.58 -4.12 2.08
H022 XT4 C . -12.40 -4.72 0.85
H051 XT4 C . -13.87 -4.75 2.77
H062 XT4 C . -14.84 -4.22 0.63
H061 XT4 C . -15.42 -3.07 1.58
H141 XT4 C . -9.83 0.44 -1.80
H142 XT4 C . -8.85 -0.21 -3.01
H181 XT4 C . -16.90 -1.63 -2.49
H182 XT4 C . -15.45 -1.03 -2.70
H231 XT4 C . -15.81 -4.07 -4.46
H232 XT4 C . -15.98 -2.50 -4.56
H291 XT4 C . -12.49 -7.14 5.95
H311 XT4 C . -10.93 -3.56 8.90
H331 XT4 C . -11.51 -7.69 8.13
H411 XT4 C . -6.33 -5.58 -0.12
H412 XT4 C . -7.21 -6.74 0.72
H421 XT4 C . -6.18 -7.03 -1.99
H422 XT4 C . -7.05 -8.20 -1.15
H433 XT4 C . -9.82 -7.16 -1.74
H432 XT4 C . -10.00 -6.05 -0.62
H431 XT4 C . -9.42 -7.48 -0.24
H441 XT4 C . -10.16 -1.01 -5.08
H451 XT4 C . -11.97 -1.74 -6.14
H462 XT4 C . -14.04 -1.03 -4.94
H461 XT4 C . -13.33 -1.52 -3.60
H472 XT4 C . -13.42 -3.73 -4.31
H471 XT4 C . -14.01 -3.28 -5.71
H491 XT4 C . -18.23 3.60 1.36
H492 XT4 C . -16.74 3.92 1.83
H493 XT4 C . -17.94 3.93 2.88
H501 XT4 C . -19.22 1.20 1.97
H502 XT4 C . -19.13 1.84 3.42
H503 XT4 C . -18.47 0.43 3.13
H511 XT4 C . -15.42 1.72 3.11
H513 XT4 C . -16.51 0.96 3.97
H512 XT4 C . -16.34 2.53 4.11
H561 XT4 C . -11.00 -6.93 11.70
H563 XT4 C . -10.85 -7.87 10.43
H562 XT4 C . -12.14 -6.97 10.61
H101 XT4 C . -10.25 -1.53 -0.02
H171 XT4 C . -16.37 0.41 -0.94
H351 XT4 C . -9.28 -3.85 -0.97
C1 EDO D . -7.46 -14.29 4.07
O1 EDO D . -6.15 -14.09 4.56
C2 EDO D . -7.65 -13.35 2.88
O2 EDO D . -7.98 -14.14 1.73
H11 EDO D . -8.20 -14.08 4.84
H12 EDO D . -7.59 -15.32 3.76
HO1 EDO D . -5.68 -14.93 4.60
H21 EDO D . -6.74 -12.79 2.70
H22 EDO D . -8.46 -12.64 3.10
HO2 EDO D . -8.84 -13.87 1.39
C1 EDO E . -8.88 6.98 9.85
O1 EDO E . -8.05 7.74 10.73
C2 EDO E . -9.75 7.93 9.04
O2 EDO E . -11.12 7.75 9.39
H11 EDO E . -9.50 6.29 10.42
H12 EDO E . -8.25 6.38 9.17
HO1 EDO E . -7.18 7.31 10.81
H21 EDO E . -9.62 7.74 7.98
H22 EDO E . -9.45 8.96 9.24
HO2 EDO E . -11.69 8.28 8.81
C1 EDO F . 13.11 -9.94 -10.64
O1 EDO F . 13.66 -9.25 -9.50
C2 EDO F . 13.83 -9.47 -11.90
O2 EDO F . 13.62 -8.05 -12.05
H11 EDO F . 13.22 -11.01 -10.53
H12 EDO F . 12.04 -9.71 -10.73
HO1 EDO F . 14.09 -9.90 -8.93
H21 EDO F . 13.44 -9.99 -12.77
H22 EDO F . 14.89 -9.68 -11.83
HO2 EDO F . 14.08 -7.59 -11.33
C1 EDO G . -18.60 -5.07 -4.57
O1 EDO G . -17.63 -6.00 -4.03
C2 EDO G . -19.07 -4.17 -3.43
O2 EDO G . -18.75 -4.86 -2.21
H11 EDO G . -18.16 -4.48 -5.37
H12 EDO G . -19.44 -5.63 -4.99
HO1 EDO G . -18.09 -6.70 -3.55
H21 EDO G . -18.56 -3.21 -3.48
H22 EDO G . -20.14 -3.99 -3.51
HO2 EDO G . -19.49 -4.76 -1.59
S SO4 H . -8.73 -10.74 10.54
O1 SO4 H . -7.48 -10.95 9.78
O2 SO4 H . -9.56 -9.78 9.81
O3 SO4 H . -9.47 -12.00 10.66
O4 SO4 H . -8.45 -10.22 11.89
#